data_8SMI
#
_entry.id   8SMI
#
_cell.length_a   39.290
_cell.length_b   94.430
_cell.length_c   201.310
_cell.angle_alpha   90.00
_cell.angle_beta   90.00
_cell.angle_gamma   90.00
#
_symmetry.space_group_name_H-M   'P 21 2 21'
#
loop_
_entity.id
_entity.type
_entity.pdbx_description
1 polymer 'Spike protein S1'
2 polymer 'WRAIR-2123 Fab heavy chain'
3 polymer 'WRAIR-2123 Fab light chain'
4 branched 2-acetamido-2-deoxy-beta-D-glucopyranose-(1-4)-2-acetamido-2-deoxy-beta-D-glucopyranose
#
loop_
_entity_poly.entity_id
_entity_poly.type
_entity_poly.pdbx_seq_one_letter_code
_entity_poly.pdbx_strand_id
1 'polypeptide(L)'
;NITNLCPFGEVFNATRFASVYAWNRKRISNCVADYSVLYNSASFSTFKCYGVSPTKLNDLCFTNVYADSFVIRGDEVRQI
APGQTGKIADYNYKLPDDFTGCVIAWNSNNLDSKVGGNYNYLYRLFRKSNLKPFERDISTEIYQAGSTPCNGVEGFNCYF
PLQSYGFQPTNGVGYQPYRVVVLSFELLHAPATVCGPGSHHHHHH
;
A
2 'polypeptide(L)'
;EVQLVESGGGVVQPGRSLRLSCAASGFTFSSYAMHWVRQAPGKGLEWVAVLSYDGSNKYNADSVKGRFTISRDNSKNTLY
LQMNSLRVEDTAMYYCARDGVSVTMVRGVIGPLCDYWGQGTLVTVSSASTKGPSVFPLAPSSKSTSGGTAALGCLVKDYF
PEPVTVSWNSGALTSGVHTFPAVLQSSGLYSLSSVVTVPSSSLGTQTYICNVNHKPSNTKVDKRVEPKSC
;
H
3 'polypeptide(L)'
;DIQMTQSPSSLSASVGDRVTITCQTSQDISNYLNWYQQKPGKAPKLLIYDASNLETGVPSRFSGSGSGTDFTFTISSLQP
EDIATYYCQQYDNLPLTFGGGTKVDIKRTVAAPSVFIFPPSDEQLKSGTASVVCLLNNFYPREAKVQWKVDNALQSGNSQ
ESVTEQDSKDSTYSLSSTLTLSKADYEKHKVYACEVTHQGLSSPVTKSFNRGEC
;
L
#
# COMPACT_ATOMS: atom_id res chain seq x y z
N THR A 3 48.95 -21.86 25.34
CA THR A 3 49.15 -20.42 25.47
C THR A 3 48.67 -19.69 24.22
N ASN A 4 48.96 -20.26 23.05
CA ASN A 4 48.54 -19.68 21.79
C ASN A 4 47.04 -19.44 21.76
N LEU A 5 46.66 -18.16 21.63
CA LEU A 5 45.25 -17.79 21.67
C LEU A 5 44.55 -18.15 20.37
N CYS A 6 43.22 -18.18 20.43
CA CYS A 6 42.42 -18.49 19.26
C CYS A 6 42.44 -17.32 18.28
N PRO A 7 42.69 -17.57 17.00
CA PRO A 7 42.80 -16.46 16.05
C PRO A 7 41.46 -15.80 15.73
N PHE A 8 40.82 -15.22 16.76
CA PHE A 8 39.59 -14.48 16.51
C PHE A 8 39.85 -13.20 15.72
N GLY A 9 41.03 -12.60 15.90
CA GLY A 9 41.39 -11.43 15.09
C GLY A 9 41.44 -11.72 13.61
N GLU A 10 41.62 -12.99 13.24
CA GLU A 10 41.58 -13.43 11.85
C GLU A 10 40.16 -13.74 11.39
N VAL A 11 39.15 -13.28 12.13
CA VAL A 11 37.75 -13.58 11.84
C VAL A 11 36.94 -12.32 11.63
N PHE A 12 36.98 -11.39 12.59
CA PHE A 12 36.18 -10.17 12.54
C PHE A 12 36.84 -9.07 11.71
N ASN A 13 38.12 -8.80 11.98
CA ASN A 13 38.79 -7.65 11.30
C ASN A 13 39.13 -7.96 9.85
N ALA A 14 38.90 -9.18 9.39
CA ALA A 14 39.33 -9.54 8.04
C ALA A 14 38.80 -8.54 7.02
N THR A 15 39.71 -7.99 6.21
CA THR A 15 39.33 -6.94 5.27
C THR A 15 38.29 -7.43 4.28
N ARG A 16 38.45 -8.66 3.78
CA ARG A 16 37.53 -9.24 2.81
C ARG A 16 36.65 -10.27 3.51
N PHE A 17 35.34 -10.09 3.41
CA PHE A 17 34.37 -11.08 3.83
C PHE A 17 33.69 -11.69 2.60
N ALA A 18 33.31 -12.96 2.73
CA ALA A 18 32.58 -13.62 1.67
C ALA A 18 31.10 -13.22 1.70
N SER A 19 30.39 -13.56 0.62
CA SER A 19 28.95 -13.36 0.60
C SER A 19 28.28 -14.38 1.51
N VAL A 20 26.95 -14.34 1.55
CA VAL A 20 26.22 -15.23 2.46
C VAL A 20 25.93 -16.57 1.80
N TYR A 21 25.62 -16.59 0.50
CA TYR A 21 25.38 -17.85 -0.17
C TYR A 21 26.61 -18.76 -0.10
N ALA A 22 27.80 -18.16 -0.05
CA ALA A 22 29.06 -18.89 0.01
C ALA A 22 29.79 -18.62 1.31
N TRP A 23 29.05 -18.68 2.42
CA TRP A 23 29.59 -18.27 3.72
C TRP A 23 30.83 -19.08 4.07
N ASN A 24 31.80 -18.39 4.67
CA ASN A 24 33.11 -18.98 4.96
C ASN A 24 33.12 -19.57 6.36
N ARG A 25 33.98 -20.57 6.55
CA ARG A 25 34.11 -21.24 7.84
C ARG A 25 35.57 -21.50 8.16
N LYS A 26 35.97 -21.14 9.38
CA LYS A 26 37.35 -21.29 9.87
C LYS A 26 37.30 -22.11 11.15
N ARG A 27 37.74 -23.36 11.09
CA ARG A 27 37.68 -24.22 12.27
C ARG A 27 38.65 -23.73 13.34
N ILE A 28 38.15 -23.64 14.56
CA ILE A 28 38.90 -23.11 15.70
C ILE A 28 39.16 -24.26 16.67
N SER A 29 40.43 -24.60 16.87
CA SER A 29 40.78 -25.70 17.74
C SER A 29 42.19 -25.50 18.28
N ASN A 30 42.45 -26.12 19.43
CA ASN A 30 43.76 -26.10 20.10
C ASN A 30 44.25 -24.66 20.30
N CYS A 31 43.51 -23.96 21.14
CA CYS A 31 43.85 -22.58 21.47
C CYS A 31 43.10 -22.19 22.74
N VAL A 32 43.23 -20.94 23.13
CA VAL A 32 42.68 -20.43 24.37
C VAL A 32 41.66 -19.34 24.04
N ALA A 33 40.43 -19.52 24.53
CA ALA A 33 39.37 -18.57 24.28
C ALA A 33 39.54 -17.34 25.16
N ASP A 34 39.23 -16.18 24.60
CA ASP A 34 39.26 -14.91 25.31
C ASP A 34 38.00 -14.11 25.01
N TYR A 35 36.84 -14.76 25.19
CA TYR A 35 35.55 -14.18 24.81
C TYR A 35 35.29 -12.81 25.44
N SER A 36 36.07 -12.41 26.45
CA SER A 36 35.89 -11.09 27.04
C SER A 36 36.10 -9.99 26.02
N VAL A 37 36.92 -10.23 24.99
CA VAL A 37 37.11 -9.23 23.94
C VAL A 37 35.80 -8.98 23.21
N LEU A 38 34.98 -10.02 23.05
CA LEU A 38 33.71 -9.88 22.33
C LEU A 38 32.74 -8.96 23.07
N TYR A 39 32.32 -9.37 24.29
CA TYR A 39 31.26 -8.64 24.96
C TYR A 39 31.74 -7.41 25.72
N ASN A 40 33.05 -7.22 25.88
CA ASN A 40 33.57 -5.95 26.40
C ASN A 40 33.84 -4.96 25.28
N SER A 41 32.83 -4.77 24.43
CA SER A 41 32.94 -3.87 23.28
C SER A 41 31.56 -3.38 22.88
N ALA A 42 31.49 -2.11 22.49
CA ALA A 42 30.26 -1.50 22.03
C ALA A 42 30.13 -1.50 20.51
N SER A 43 31.01 -2.23 19.82
CA SER A 43 30.98 -2.24 18.36
C SER A 43 29.93 -3.19 17.80
N PHE A 44 29.67 -4.30 18.48
CA PHE A 44 28.76 -5.32 17.95
C PHE A 44 27.32 -4.88 18.13
N SER A 45 26.59 -4.80 17.00
CA SER A 45 25.19 -4.39 17.04
C SER A 45 24.31 -5.49 17.63
N THR A 46 24.28 -6.65 17.00
CA THR A 46 23.48 -7.78 17.46
C THR A 46 24.40 -8.84 18.04
N PHE A 47 24.20 -9.16 19.31
CA PHE A 47 25.00 -10.15 20.02
C PHE A 47 24.02 -11.00 20.82
N LYS A 48 23.75 -12.22 20.34
CA LYS A 48 22.78 -13.11 20.96
C LYS A 48 23.41 -14.48 21.12
N CYS A 49 23.62 -14.89 22.36
CA CYS A 49 24.16 -16.21 22.68
C CYS A 49 23.00 -17.19 22.83
N TYR A 50 23.04 -18.27 22.06
CA TYR A 50 22.01 -19.30 22.05
C TYR A 50 22.56 -20.58 22.67
N GLY A 51 21.88 -21.06 23.73
CA GLY A 51 22.27 -22.29 24.40
C GLY A 51 23.36 -22.15 25.43
N VAL A 52 24.05 -21.02 25.45
CA VAL A 52 25.21 -20.82 26.31
C VAL A 52 24.87 -19.78 27.37
N SER A 53 25.58 -19.85 28.49
CA SER A 53 25.32 -18.96 29.60
C SER A 53 25.80 -17.54 29.28
N PRO A 54 25.09 -16.52 29.76
CA PRO A 54 25.54 -15.14 29.58
C PRO A 54 26.69 -14.73 30.51
N THR A 55 27.03 -15.57 31.48
CA THR A 55 28.08 -15.26 32.45
C THR A 55 29.26 -16.22 32.38
N LYS A 56 29.01 -17.51 32.14
CA LYS A 56 30.06 -18.51 32.06
C LYS A 56 30.86 -18.43 30.77
N LEU A 57 30.74 -17.33 30.04
CA LEU A 57 31.33 -17.22 28.71
C LEU A 57 32.82 -17.55 28.72
N ASN A 58 33.58 -16.93 29.63
CA ASN A 58 35.02 -17.20 29.68
C ASN A 58 35.38 -18.47 30.44
N ASP A 59 34.42 -19.14 31.08
CA ASP A 59 34.72 -20.32 31.86
C ASP A 59 34.51 -21.63 31.12
N LEU A 60 33.90 -21.60 29.94
CA LEU A 60 33.50 -22.85 29.32
C LEU A 60 34.66 -23.53 28.60
N CYS A 61 34.39 -24.73 28.12
CA CYS A 61 35.38 -25.54 27.42
C CYS A 61 34.64 -26.45 26.44
N PHE A 62 34.71 -26.13 25.16
CA PHE A 62 34.07 -26.92 24.12
C PHE A 62 35.13 -27.68 23.32
N THR A 63 34.74 -28.83 22.79
CA THR A 63 35.69 -29.67 22.05
C THR A 63 36.20 -28.94 20.80
N ASN A 64 35.31 -28.29 20.07
CA ASN A 64 35.71 -27.52 18.89
C ASN A 64 34.77 -26.33 18.76
N VAL A 65 35.24 -25.30 18.05
CA VAL A 65 34.47 -24.09 17.79
C VAL A 65 34.53 -23.80 16.30
N TYR A 66 33.39 -23.49 15.70
CA TYR A 66 33.31 -23.12 14.29
C TYR A 66 32.90 -21.66 14.18
N ALA A 67 33.67 -20.89 13.41
CA ALA A 67 33.40 -19.47 13.16
C ALA A 67 32.87 -19.35 11.74
N ASP A 68 31.56 -19.09 11.62
CA ASP A 68 30.92 -18.88 10.33
C ASP A 68 30.75 -17.37 10.13
N SER A 69 31.48 -16.81 9.16
CA SER A 69 31.47 -15.38 8.89
C SER A 69 31.03 -15.13 7.46
N PHE A 70 30.17 -14.13 7.27
CA PHE A 70 29.64 -13.76 5.97
C PHE A 70 29.10 -12.33 6.09
N VAL A 71 28.36 -11.89 5.07
CA VAL A 71 27.82 -10.53 5.03
C VAL A 71 26.39 -10.57 4.49
N ILE A 72 25.50 -9.82 5.15
CA ILE A 72 24.14 -9.58 4.68
C ILE A 72 23.76 -8.14 4.99
N ARG A 73 22.58 -7.73 4.53
CA ARG A 73 22.11 -6.37 4.77
C ARG A 73 21.46 -6.27 6.15
N GLY A 74 20.98 -5.07 6.47
CA GLY A 74 20.53 -4.79 7.84
C GLY A 74 19.27 -5.53 8.24
N ASP A 75 18.38 -5.81 7.29
CA ASP A 75 17.10 -6.43 7.61
C ASP A 75 17.19 -7.95 7.70
N GLU A 76 18.28 -8.56 7.26
CA GLU A 76 18.37 -10.00 7.14
C GLU A 76 19.03 -10.67 8.34
N VAL A 77 19.52 -9.89 9.30
CA VAL A 77 20.15 -10.47 10.48
C VAL A 77 19.12 -11.10 11.41
N ARG A 78 17.87 -10.64 11.37
CA ARG A 78 16.81 -11.25 12.16
C ARG A 78 16.58 -12.71 11.80
N GLN A 79 17.03 -13.13 10.62
CA GLN A 79 16.90 -14.51 10.20
C GLN A 79 18.10 -15.35 10.58
N ILE A 80 19.15 -14.75 11.12
CA ILE A 80 20.29 -15.50 11.66
C ILE A 80 19.94 -15.78 13.11
N ALA A 81 19.15 -16.82 13.31
CA ALA A 81 18.65 -17.22 14.62
C ALA A 81 18.03 -18.60 14.47
N PRO A 82 18.17 -19.46 15.47
CA PRO A 82 17.55 -20.79 15.36
C PRO A 82 16.05 -20.69 15.15
N GLY A 83 15.53 -21.53 14.26
CA GLY A 83 14.11 -21.53 13.95
C GLY A 83 13.60 -20.24 13.35
N GLN A 84 14.05 -19.93 12.14
CA GLN A 84 13.57 -18.75 11.42
C GLN A 84 13.27 -19.12 9.98
N THR A 85 12.42 -18.30 9.36
CA THR A 85 12.00 -18.49 7.98
C THR A 85 12.29 -17.21 7.19
N GLY A 86 12.85 -17.37 6.00
CA GLY A 86 13.13 -16.24 5.16
C GLY A 86 14.12 -16.62 4.07
N LYS A 87 14.36 -15.65 3.18
CA LYS A 87 15.17 -15.93 1.99
C LYS A 87 16.58 -16.38 2.36
N ILE A 88 17.23 -15.67 3.29
CA ILE A 88 18.52 -16.15 3.81
C ILE A 88 18.34 -17.41 4.64
N ALA A 89 17.34 -17.44 5.51
CA ALA A 89 17.15 -18.54 6.43
C ALA A 89 16.55 -19.77 5.78
N ASP A 90 16.44 -19.80 4.45
CA ASP A 90 15.93 -20.97 3.75
C ASP A 90 16.90 -21.41 2.66
N TYR A 91 17.59 -20.47 2.01
CA TYR A 91 18.42 -20.80 0.87
C TYR A 91 19.91 -20.48 1.05
N ASN A 92 20.30 -19.76 2.09
CA ASN A 92 21.69 -19.37 2.27
C ASN A 92 22.31 -19.92 3.54
N TYR A 93 21.70 -19.69 4.70
CA TYR A 93 22.28 -20.10 5.98
C TYR A 93 21.15 -20.53 6.90
N LYS A 94 21.17 -21.81 7.31
CA LYS A 94 20.12 -22.43 8.10
C LYS A 94 20.68 -22.78 9.47
N LEU A 95 20.18 -22.14 10.51
CA LEU A 95 20.62 -22.43 11.87
C LEU A 95 19.73 -23.49 12.49
N PRO A 96 20.29 -24.61 12.95
CA PRO A 96 19.44 -25.67 13.51
C PRO A 96 18.72 -25.21 14.77
N ASP A 97 17.67 -25.94 15.12
CA ASP A 97 16.86 -25.58 16.27
C ASP A 97 17.60 -25.80 17.58
N ASP A 98 18.51 -26.78 17.63
CA ASP A 98 19.31 -27.05 18.82
C ASP A 98 20.66 -26.36 18.76
N PHE A 99 20.71 -25.19 18.13
CA PHE A 99 21.96 -24.46 17.98
C PHE A 99 22.50 -24.05 19.33
N THR A 100 23.82 -24.17 19.50
CA THR A 100 24.49 -23.86 20.77
C THR A 100 25.72 -23.03 20.46
N GLY A 101 25.54 -21.72 20.43
CA GLY A 101 26.64 -20.81 20.12
C GLY A 101 26.14 -19.38 20.12
N CYS A 102 27.08 -18.46 19.90
CA CYS A 102 26.79 -17.03 19.94
C CYS A 102 26.96 -16.41 18.57
N VAL A 103 25.96 -15.63 18.16
CA VAL A 103 25.95 -14.96 16.87
C VAL A 103 26.32 -13.49 17.06
N ILE A 104 27.32 -13.02 16.32
CA ILE A 104 27.83 -11.66 16.48
C ILE A 104 27.62 -10.90 15.18
N ALA A 105 27.02 -9.71 15.28
CA ALA A 105 26.74 -8.88 14.12
C ALA A 105 27.11 -7.44 14.42
N TRP A 106 27.52 -6.71 13.37
CA TRP A 106 27.84 -5.31 13.50
C TRP A 106 27.70 -4.65 12.13
N ASN A 107 27.52 -3.34 12.13
CA ASN A 107 27.30 -2.58 10.90
C ASN A 107 28.63 -2.17 10.28
N SER A 108 28.72 -2.33 8.97
CA SER A 108 29.92 -2.01 8.20
C SER A 108 29.57 -1.21 6.97
N ASN A 109 28.70 -0.21 7.12
CA ASN A 109 28.26 0.58 5.98
C ASN A 109 29.37 1.42 5.36
N ASN A 110 30.51 1.57 6.04
CA ASN A 110 31.60 2.38 5.53
C ASN A 110 32.69 1.57 4.86
N LEU A 111 32.84 0.29 5.21
CA LEU A 111 33.90 -0.54 4.66
C LEU A 111 33.43 -1.44 3.52
N ASP A 112 32.17 -1.88 3.54
CA ASP A 112 31.63 -2.74 2.50
C ASP A 112 30.71 -2.01 1.52
N SER A 113 30.56 -0.69 1.66
CA SER A 113 29.83 0.11 0.69
C SER A 113 30.78 1.11 0.04
N LYS A 114 30.42 1.52 -1.18
CA LYS A 114 31.12 2.62 -1.83
C LYS A 114 30.13 3.30 -2.75
N VAL A 115 30.35 4.60 -2.97
CA VAL A 115 29.49 5.36 -3.88
C VAL A 115 29.65 4.81 -5.29
N GLY A 116 28.56 4.83 -6.04
CA GLY A 116 28.49 4.20 -7.34
C GLY A 116 28.12 2.73 -7.29
N GLY A 117 28.46 2.06 -6.20
CA GLY A 117 28.08 0.67 -6.02
C GLY A 117 29.24 -0.24 -5.67
N ASN A 118 28.97 -1.22 -4.80
CA ASN A 118 29.90 -2.31 -4.50
C ASN A 118 29.06 -3.60 -4.55
N TYR A 119 28.94 -4.18 -5.75
CA TYR A 119 28.06 -5.30 -5.99
C TYR A 119 28.78 -6.65 -5.95
N ASN A 120 29.94 -6.72 -5.30
CA ASN A 120 30.65 -7.99 -5.21
C ASN A 120 29.88 -9.02 -4.40
N TYR A 121 29.13 -8.58 -3.40
CA TYR A 121 28.42 -9.50 -2.51
C TYR A 121 27.14 -10.01 -3.17
N LEU A 122 26.83 -11.28 -2.92
CA LEU A 122 25.67 -11.94 -3.49
C LEU A 122 24.87 -12.62 -2.38
N TYR A 123 23.73 -13.20 -2.77
CA TYR A 123 22.90 -13.98 -1.86
C TYR A 123 21.97 -14.82 -2.71
N ARG A 124 21.69 -16.05 -2.26
CA ARG A 124 20.86 -16.97 -3.02
C ARG A 124 19.40 -16.56 -2.90
N LEU A 125 18.78 -16.24 -4.05
CA LEU A 125 17.40 -15.79 -4.09
C LEU A 125 16.41 -16.90 -4.36
N PHE A 126 16.82 -17.97 -5.03
CA PHE A 126 15.89 -19.02 -5.41
C PHE A 126 16.49 -20.39 -5.13
N ARG A 127 15.61 -21.33 -4.81
CA ARG A 127 16.00 -22.71 -4.55
C ARG A 127 14.73 -23.54 -4.44
N LYS A 128 14.77 -24.76 -4.98
CA LYS A 128 13.60 -25.63 -4.98
C LYS A 128 13.45 -26.44 -3.69
N SER A 129 14.21 -26.10 -2.64
CA SER A 129 14.10 -26.76 -1.34
C SER A 129 14.84 -25.91 -0.32
N ASN A 130 14.32 -25.90 0.92
CA ASN A 130 14.99 -25.19 1.99
C ASN A 130 16.28 -25.92 2.39
N LEU A 131 17.27 -25.13 2.81
CA LEU A 131 18.56 -25.68 3.20
C LEU A 131 18.46 -26.44 4.52
N LYS A 132 19.35 -27.42 4.68
CA LYS A 132 19.59 -28.08 5.95
C LYS A 132 20.68 -27.35 6.72
N PRO A 133 20.74 -27.52 8.04
CA PRO A 133 21.74 -26.78 8.84
C PRO A 133 23.16 -27.06 8.39
N PHE A 134 23.98 -25.99 8.40
CA PHE A 134 25.40 -25.99 8.03
C PHE A 134 25.65 -26.36 6.58
N GLU A 135 24.61 -26.46 5.76
CA GLU A 135 24.76 -26.88 4.37
C GLU A 135 25.12 -25.67 3.51
N ARG A 136 26.35 -25.63 3.04
CA ARG A 136 26.81 -24.55 2.18
C ARG A 136 26.42 -24.86 0.73
N ASP A 137 25.69 -23.94 0.10
CA ASP A 137 25.22 -24.13 -1.27
C ASP A 137 25.77 -23.01 -2.14
N ILE A 138 26.52 -23.38 -3.18
CA ILE A 138 27.13 -22.43 -4.11
C ILE A 138 26.79 -22.83 -5.54
N SER A 139 25.70 -23.58 -5.71
CA SER A 139 25.33 -24.06 -7.03
C SER A 139 24.98 -22.89 -7.96
N THR A 140 25.26 -23.08 -9.24
CA THR A 140 25.17 -22.00 -10.23
C THR A 140 24.33 -22.42 -11.43
N GLU A 141 23.21 -23.10 -11.19
CA GLU A 141 22.33 -23.50 -12.27
C GLU A 141 21.07 -22.65 -12.28
N ILE A 142 20.51 -22.45 -13.47
CA ILE A 142 19.38 -21.55 -13.66
C ILE A 142 18.12 -22.21 -13.11
N TYR A 143 17.63 -21.71 -11.98
CA TYR A 143 16.44 -22.25 -11.34
C TYR A 143 15.18 -21.90 -12.12
N GLN A 144 14.17 -22.74 -11.98
CA GLN A 144 12.90 -22.60 -12.69
C GLN A 144 11.80 -22.31 -11.67
N ALA A 145 11.03 -21.25 -11.91
CA ALA A 145 9.98 -20.85 -10.98
C ALA A 145 8.63 -21.46 -11.35
N GLY A 146 8.15 -21.22 -12.57
CA GLY A 146 6.85 -21.70 -12.98
C GLY A 146 6.89 -23.14 -13.47
N SER A 147 5.72 -23.60 -13.93
CA SER A 147 5.54 -24.96 -14.42
C SER A 147 5.96 -25.12 -15.88
N THR A 148 6.79 -24.21 -16.39
CA THR A 148 7.26 -24.22 -17.76
C THR A 148 8.77 -24.43 -17.78
N PRO A 149 9.26 -25.52 -18.36
CA PRO A 149 10.69 -25.86 -18.24
C PRO A 149 11.61 -24.78 -18.79
N CYS A 150 12.85 -24.81 -18.29
CA CYS A 150 13.88 -23.85 -18.66
C CYS A 150 15.14 -24.62 -19.00
N ASN A 151 15.60 -24.52 -20.25
CA ASN A 151 16.88 -25.11 -20.61
C ASN A 151 18.02 -24.13 -20.38
N GLY A 152 18.08 -23.57 -19.17
CA GLY A 152 19.12 -22.66 -18.78
C GLY A 152 18.96 -21.23 -19.24
N VAL A 153 18.02 -20.96 -20.14
CA VAL A 153 17.84 -19.61 -20.66
C VAL A 153 17.34 -18.69 -19.56
N GLU A 154 18.01 -17.57 -19.37
CA GLU A 154 17.53 -16.55 -18.43
C GLU A 154 16.32 -15.89 -19.05
N GLY A 155 15.12 -16.32 -18.61
CA GLY A 155 13.87 -15.90 -19.22
C GLY A 155 12.90 -15.40 -18.16
N PHE A 156 11.61 -15.63 -18.43
CA PHE A 156 10.55 -15.10 -17.57
C PHE A 156 10.62 -15.68 -16.16
N ASN A 157 10.60 -17.00 -16.05
CA ASN A 157 10.64 -17.65 -14.74
C ASN A 157 11.91 -18.46 -14.55
N CYS A 158 12.94 -18.18 -15.34
CA CYS A 158 14.22 -18.84 -15.25
C CYS A 158 15.26 -17.77 -14.93
N TYR A 159 15.71 -17.71 -13.69
CA TYR A 159 16.62 -16.69 -13.24
C TYR A 159 17.93 -17.30 -12.75
N PHE A 160 18.98 -16.49 -12.81
CA PHE A 160 20.22 -16.83 -12.14
C PHE A 160 20.02 -16.76 -10.63
N PRO A 161 20.35 -17.81 -9.88
CA PRO A 161 19.91 -17.92 -8.48
C PRO A 161 20.69 -17.07 -7.50
N LEU A 162 21.50 -16.12 -7.95
CA LEU A 162 22.34 -15.30 -7.07
C LEU A 162 22.15 -13.85 -7.43
N GLN A 163 21.48 -13.11 -6.53
CA GLN A 163 21.20 -11.68 -6.78
C GLN A 163 22.25 -10.84 -6.06
N SER A 164 22.78 -9.83 -6.75
CA SER A 164 23.82 -9.00 -6.16
C SER A 164 23.27 -8.06 -5.10
N TYR A 165 24.17 -7.62 -4.22
CA TYR A 165 23.82 -6.69 -3.15
C TYR A 165 24.25 -5.29 -3.55
N GLY A 166 23.31 -4.36 -3.58
CA GLY A 166 23.65 -2.98 -3.87
C GLY A 166 23.99 -2.22 -2.61
N PHE A 167 25.27 -2.08 -2.30
CA PHE A 167 25.73 -1.44 -1.07
C PHE A 167 26.32 -0.07 -1.40
N GLN A 168 25.51 0.97 -1.19
CA GLN A 168 25.80 2.37 -1.34
C GLN A 168 25.65 3.07 0.02
N PRO A 169 26.46 4.10 0.29
CA PRO A 169 26.34 4.79 1.59
C PRO A 169 25.00 5.47 1.77
N THR A 170 24.34 5.89 0.70
CA THR A 170 23.08 6.64 0.78
C THR A 170 21.87 5.73 0.59
N ASN A 171 21.75 4.72 1.44
CA ASN A 171 20.59 3.83 1.46
C ASN A 171 19.96 3.84 2.84
N GLY A 172 18.83 3.14 2.95
CA GLY A 172 18.19 2.99 4.27
C GLY A 172 19.01 2.05 5.15
N VAL A 173 18.79 2.08 6.46
CA VAL A 173 19.62 1.24 7.37
C VAL A 173 19.39 -0.22 7.03
N GLY A 174 18.13 -0.58 6.75
CA GLY A 174 17.81 -1.99 6.48
C GLY A 174 18.62 -2.56 5.34
N TYR A 175 19.20 -1.70 4.50
CA TYR A 175 19.89 -2.24 3.32
C TYR A 175 21.37 -1.88 3.33
N GLN A 176 21.97 -1.79 4.51
CA GLN A 176 23.38 -1.49 4.68
C GLN A 176 24.15 -2.75 5.09
N PRO A 177 25.43 -2.84 4.72
CA PRO A 177 26.17 -4.10 4.97
C PRO A 177 26.47 -4.29 6.45
N TYR A 178 26.05 -5.44 6.97
CA TYR A 178 26.36 -5.88 8.32
C TYR A 178 27.20 -7.14 8.24
N ARG A 179 28.41 -7.09 8.80
CA ARG A 179 29.28 -8.25 8.84
C ARG A 179 28.94 -9.12 10.05
N VAL A 180 28.73 -10.41 9.79
CA VAL A 180 28.22 -11.35 10.78
C VAL A 180 29.27 -12.42 11.03
N VAL A 181 29.43 -12.80 12.30
CA VAL A 181 30.26 -13.92 12.71
C VAL A 181 29.41 -14.81 13.59
N VAL A 182 29.28 -16.09 13.23
CA VAL A 182 28.50 -17.05 14.00
C VAL A 182 29.46 -18.08 14.58
N LEU A 183 29.63 -18.05 15.90
CA LEU A 183 30.50 -18.99 16.60
C LEU A 183 29.67 -20.20 17.03
N SER A 184 30.01 -21.37 16.50
CA SER A 184 29.27 -22.59 16.78
C SER A 184 30.10 -23.46 17.71
N PHE A 185 29.57 -23.73 18.91
CA PHE A 185 30.29 -24.49 19.93
C PHE A 185 29.98 -25.97 19.76
N GLU A 186 30.97 -26.71 19.25
CA GLU A 186 30.83 -28.15 19.03
C GLU A 186 31.34 -28.88 20.27
N LEU A 187 30.48 -29.73 20.84
CA LEU A 187 30.84 -30.54 22.00
C LEU A 187 30.61 -32.01 21.63
N LEU A 188 31.71 -32.72 21.38
CA LEU A 188 31.69 -34.13 21.03
C LEU A 188 32.27 -34.96 22.17
N HIS A 189 32.05 -36.27 22.09
CA HIS A 189 32.57 -37.17 23.12
C HIS A 189 34.08 -37.29 22.95
N ALA A 190 34.78 -36.23 23.29
CA ALA A 190 36.22 -36.13 23.11
C ALA A 190 36.74 -35.08 24.07
N PRO A 191 38.04 -35.10 24.40
CA PRO A 191 38.60 -34.02 25.23
C PRO A 191 38.44 -32.68 24.53
N ALA A 192 38.23 -31.65 25.33
CA ALA A 192 38.06 -30.30 24.80
C ALA A 192 39.40 -29.75 24.32
N THR A 193 39.32 -28.87 23.33
CA THR A 193 40.51 -28.20 22.77
C THR A 193 40.45 -26.68 22.90
N VAL A 194 39.28 -26.08 22.89
CA VAL A 194 39.11 -24.63 23.01
C VAL A 194 38.59 -24.34 24.40
N CYS A 195 39.44 -23.79 25.26
CA CYS A 195 39.09 -23.50 26.63
C CYS A 195 39.28 -22.01 26.92
N GLY A 196 38.66 -21.54 28.00
CA GLY A 196 38.77 -20.15 28.40
C GLY A 196 39.95 -19.88 29.31
N PRO A 197 40.07 -18.64 29.80
CA PRO A 197 41.20 -18.30 30.66
C PRO A 197 40.94 -18.52 32.15
N GLY A 198 39.67 -18.64 32.53
CA GLY A 198 39.31 -18.75 33.93
C GLY A 198 38.53 -20.00 34.29
N SER A 199 38.88 -21.12 33.67
CA SER A 199 38.20 -22.39 33.93
C SER A 199 39.04 -23.31 34.81
N GLU B 1 11.90 16.14 -0.52
CA GLU B 1 12.57 14.83 -0.54
C GLU B 1 12.55 14.22 -1.95
N VAL B 2 11.90 13.07 -2.11
CA VAL B 2 11.73 12.40 -3.38
C VAL B 2 10.25 12.40 -3.73
N GLN B 3 9.91 12.77 -4.96
CA GLN B 3 8.52 12.94 -5.37
C GLN B 3 8.35 12.50 -6.81
N LEU B 4 7.53 11.47 -7.03
CA LEU B 4 7.28 10.94 -8.37
C LEU B 4 6.05 11.61 -8.96
N VAL B 5 6.20 12.90 -9.26
CA VAL B 5 5.12 13.69 -9.84
C VAL B 5 4.78 13.18 -11.23
N GLU B 6 3.48 13.14 -11.54
CA GLU B 6 2.98 12.63 -12.80
C GLU B 6 2.09 13.68 -13.44
N SER B 7 2.09 13.73 -14.78
CA SER B 7 1.12 14.50 -15.54
C SER B 7 1.12 14.00 -16.98
N GLY B 8 -0.06 13.94 -17.58
CA GLY B 8 -0.19 13.46 -18.95
C GLY B 8 -1.44 12.66 -19.25
N GLY B 9 -2.22 12.30 -18.22
CA GLY B 9 -3.48 11.62 -18.41
C GLY B 9 -4.64 12.59 -18.57
N GLY B 10 -5.62 12.18 -19.37
CA GLY B 10 -6.77 13.02 -19.68
C GLY B 10 -7.97 12.21 -20.11
N VAL B 11 -8.65 12.68 -21.15
CA VAL B 11 -9.85 12.05 -21.71
C VAL B 11 -9.63 11.82 -23.20
N VAL B 12 -9.71 10.56 -23.62
CA VAL B 12 -9.46 10.17 -25.01
C VAL B 12 -10.35 8.98 -25.36
N GLN B 13 -10.89 9.02 -26.58
CA GLN B 13 -11.82 7.99 -27.04
C GLN B 13 -11.09 6.66 -27.22
N PRO B 14 -11.82 5.54 -27.20
CA PRO B 14 -11.16 4.24 -27.37
C PRO B 14 -10.58 4.07 -28.76
N GLY B 15 -9.44 3.40 -28.82
CA GLY B 15 -8.75 3.14 -30.07
C GLY B 15 -7.56 4.04 -30.33
N ARG B 16 -7.42 5.13 -29.60
CA ARG B 16 -6.37 6.11 -29.86
C ARG B 16 -5.13 5.79 -29.03
N SER B 17 -4.20 6.73 -28.97
CA SER B 17 -2.99 6.61 -28.19
C SER B 17 -2.82 7.82 -27.30
N LEU B 18 -2.11 7.62 -26.18
CA LEU B 18 -1.80 8.66 -25.23
C LEU B 18 -0.68 8.18 -24.30
N ARG B 19 0.42 8.91 -24.23
CA ARG B 19 1.55 8.44 -23.42
C ARG B 19 1.58 9.16 -22.08
N LEU B 20 2.02 8.43 -21.05
CA LEU B 20 2.00 9.01 -19.68
C LEU B 20 3.40 9.48 -19.29
N SER B 21 3.46 10.45 -18.39
CA SER B 21 4.78 10.95 -17.92
C SER B 21 4.90 10.75 -16.40
N CYS B 22 5.99 10.12 -15.97
CA CYS B 22 6.25 9.99 -14.52
C CYS B 22 7.56 10.75 -14.32
N ALA B 23 7.62 11.68 -13.36
CA ALA B 23 8.84 12.51 -13.27
C ALA B 23 9.57 12.20 -11.97
N ALA B 24 10.88 11.93 -12.08
CA ALA B 24 11.66 11.54 -10.89
C ALA B 24 12.37 12.76 -10.31
N SER B 25 12.52 12.78 -8.99
CA SER B 25 13.21 13.86 -8.30
C SER B 25 13.86 13.32 -7.04
N GLY B 26 15.05 13.83 -6.73
CA GLY B 26 15.72 13.44 -5.51
C GLY B 26 16.69 12.30 -5.67
N PHE B 27 16.22 11.08 -5.38
CA PHE B 27 17.04 9.88 -5.48
C PHE B 27 17.60 9.70 -6.89
N THR B 28 18.65 8.89 -6.99
CA THR B 28 19.20 8.53 -8.30
C THR B 28 18.21 7.63 -9.02
N PHE B 29 17.79 8.06 -10.21
CA PHE B 29 16.77 7.38 -11.00
C PHE B 29 17.33 6.23 -11.83
N SER B 30 18.51 6.43 -12.44
CA SER B 30 19.13 5.38 -13.24
C SER B 30 19.60 4.21 -12.39
N SER B 31 19.36 4.24 -11.08
CA SER B 31 19.73 3.15 -10.20
C SER B 31 18.56 2.29 -9.74
N TYR B 32 17.33 2.78 -9.86
CA TYR B 32 16.16 2.06 -9.37
C TYR B 32 15.24 1.66 -10.53
N ALA B 33 14.56 0.54 -10.34
CA ALA B 33 13.55 0.10 -11.29
C ALA B 33 12.26 0.87 -11.08
N MET B 34 11.38 0.82 -12.08
CA MET B 34 10.16 1.61 -12.07
C MET B 34 8.99 0.76 -12.50
N HIS B 35 7.89 0.92 -11.76
CA HIS B 35 6.68 0.11 -12.02
C HIS B 35 5.52 1.02 -12.38
N TRP B 36 4.50 0.48 -13.03
CA TRP B 36 3.26 1.19 -13.35
C TRP B 36 2.11 0.31 -12.90
N VAL B 37 1.27 0.82 -12.01
CA VAL B 37 0.09 0.10 -11.54
C VAL B 37 -1.09 1.06 -11.51
N ARG B 38 -2.28 0.55 -11.82
CA ARG B 38 -3.47 1.37 -11.95
C ARG B 38 -4.56 0.90 -11.01
N GLN B 39 -5.46 1.83 -10.68
CA GLN B 39 -6.59 1.55 -9.82
C GLN B 39 -7.84 2.18 -10.43
N ALA B 40 -8.83 1.34 -10.74
CA ALA B 40 -10.08 1.80 -11.29
C ALA B 40 -10.86 2.57 -10.23
N PRO B 41 -11.86 3.36 -10.63
CA PRO B 41 -12.69 4.07 -9.65
C PRO B 41 -13.52 3.08 -8.84
N GLY B 42 -13.30 3.06 -7.52
CA GLY B 42 -14.02 2.18 -6.63
C GLY B 42 -13.48 0.77 -6.56
N LYS B 43 -12.58 0.38 -7.45
CA LYS B 43 -11.95 -0.93 -7.41
C LYS B 43 -10.63 -0.84 -6.65
N GLY B 44 -9.80 -1.88 -6.75
CA GLY B 44 -8.50 -1.91 -6.14
C GLY B 44 -7.36 -1.77 -7.15
N LEU B 45 -6.16 -2.00 -6.65
CA LEU B 45 -4.95 -1.84 -7.44
C LEU B 45 -4.83 -2.94 -8.49
N GLU B 46 -4.15 -2.62 -9.59
CA GLU B 46 -3.92 -3.57 -10.67
C GLU B 46 -2.58 -3.26 -11.33
N TRP B 47 -1.69 -4.25 -11.35
CA TRP B 47 -0.39 -4.10 -11.98
C TRP B 47 -0.52 -3.93 -13.50
N VAL B 48 0.37 -3.14 -14.08
CA VAL B 48 0.36 -2.89 -15.52
C VAL B 48 1.64 -3.42 -16.16
N ALA B 49 2.78 -2.87 -15.78
CA ALA B 49 4.06 -3.23 -16.38
C ALA B 49 5.18 -2.69 -15.49
N VAL B 50 6.41 -2.81 -15.98
CA VAL B 50 7.60 -2.49 -15.20
C VAL B 50 8.78 -2.35 -16.15
N LEU B 51 9.84 -1.71 -15.67
CA LEU B 51 11.08 -1.59 -16.44
C LEU B 51 12.27 -1.67 -15.49
N SER B 52 13.36 -2.24 -15.99
CA SER B 52 14.57 -2.42 -15.20
C SER B 52 15.31 -1.09 -15.08
N TYR B 53 16.54 -1.12 -14.55
CA TYR B 53 17.38 0.08 -14.52
C TYR B 53 17.97 0.30 -15.92
N ASP B 54 17.06 0.40 -16.89
CA ASP B 54 17.40 0.39 -18.32
C ASP B 54 18.30 -0.80 -18.65
N GLY B 55 17.78 -1.99 -18.35
CA GLY B 55 18.47 -3.22 -18.67
C GLY B 55 17.73 -4.01 -19.73
N SER B 56 16.84 -3.34 -20.46
CA SER B 56 16.02 -3.95 -21.50
C SER B 56 15.31 -5.20 -20.99
N ASN B 57 14.47 -5.00 -19.96
CA ASN B 57 13.65 -6.05 -19.35
C ASN B 57 12.29 -5.43 -19.06
N LYS B 58 11.35 -5.55 -20.02
CA LYS B 58 10.04 -4.94 -19.83
C LYS B 58 9.13 -5.79 -18.96
N TYR B 59 8.79 -6.99 -19.42
CA TYR B 59 7.92 -7.91 -18.69
C TYR B 59 6.57 -7.27 -18.34
N ASN B 60 5.83 -6.89 -19.37
CA ASN B 60 4.50 -6.34 -19.17
C ASN B 60 3.54 -7.43 -18.72
N ALA B 61 2.41 -7.00 -18.17
CA ALA B 61 1.38 -7.95 -17.75
C ALA B 61 0.52 -8.36 -18.96
N ASP B 62 -0.47 -9.19 -18.70
CA ASP B 62 -1.37 -9.61 -19.77
C ASP B 62 -2.40 -8.52 -20.08
N SER B 63 -3.08 -8.70 -21.21
CA SER B 63 -4.10 -7.79 -21.72
C SER B 63 -3.49 -6.45 -22.15
N VAL B 64 -2.18 -6.30 -21.96
CA VAL B 64 -1.44 -5.13 -22.40
C VAL B 64 -0.18 -5.47 -23.17
N LYS B 65 0.15 -6.75 -23.32
CA LYS B 65 1.38 -7.13 -24.02
C LYS B 65 1.23 -6.83 -25.51
N GLY B 66 1.99 -5.84 -26.00
CA GLY B 66 1.83 -5.31 -27.34
C GLY B 66 1.03 -4.03 -27.41
N ARG B 67 0.25 -3.73 -26.38
CA ARG B 67 -0.53 -2.49 -26.32
C ARG B 67 0.13 -1.40 -25.48
N PHE B 68 0.99 -1.74 -24.52
CA PHE B 68 1.74 -0.77 -23.74
C PHE B 68 3.23 -1.09 -23.83
N THR B 69 4.06 -0.05 -23.86
CA THR B 69 5.50 -0.22 -23.78
C THR B 69 6.04 0.72 -22.72
N ILE B 70 7.00 0.23 -21.94
CA ILE B 70 7.63 1.03 -20.89
C ILE B 70 8.87 1.69 -21.46
N SER B 71 9.00 2.99 -21.23
CA SER B 71 10.18 3.73 -21.65
C SER B 71 10.70 4.57 -20.51
N ARG B 72 12.02 4.66 -20.39
CA ARG B 72 12.64 5.53 -19.40
C ARG B 72 13.78 6.29 -20.06
N ASP B 73 13.98 7.52 -19.58
CA ASP B 73 15.07 8.38 -20.02
C ASP B 73 15.88 8.72 -18.77
N ASN B 74 16.81 7.85 -18.41
CA ASN B 74 17.50 7.98 -17.13
C ASN B 74 18.40 9.22 -17.08
N SER B 75 18.79 9.75 -18.23
CA SER B 75 19.50 11.03 -18.23
C SER B 75 18.57 12.20 -17.95
N LYS B 76 17.25 12.01 -18.14
CA LYS B 76 16.26 13.04 -17.86
C LYS B 76 15.51 12.81 -16.55
N ASN B 77 15.84 11.74 -15.82
CA ASN B 77 15.13 11.35 -14.59
C ASN B 77 13.62 11.41 -14.79
N THR B 78 13.16 10.87 -15.92
CA THR B 78 11.70 10.86 -16.23
C THR B 78 11.32 9.48 -16.78
N LEU B 79 10.19 8.92 -16.34
CA LEU B 79 9.75 7.56 -16.76
C LEU B 79 8.39 7.65 -17.45
N TYR B 80 8.19 6.97 -18.58
CA TYR B 80 6.91 7.16 -19.32
C TYR B 80 6.16 5.85 -19.52
N LEU B 81 4.96 5.92 -20.10
CA LEU B 81 4.13 4.75 -20.36
C LEU B 81 3.32 5.05 -21.61
N GLN B 82 3.80 4.57 -22.75
CA GLN B 82 3.14 4.78 -24.04
C GLN B 82 1.89 3.91 -24.13
N MET B 83 0.73 4.53 -24.26
CA MET B 83 -0.53 3.83 -24.49
C MET B 83 -0.95 3.97 -25.94
N ASN B 84 -1.76 3.01 -26.37
CA ASN B 84 -2.12 2.76 -27.74
C ASN B 84 -3.12 1.62 -27.83
N SER B 85 -4.01 1.65 -28.81
CA SER B 85 -5.12 0.70 -28.92
C SER B 85 -5.93 0.69 -27.62
N LEU B 86 -6.53 1.85 -27.36
CA LEU B 86 -7.22 2.06 -26.10
C LEU B 86 -8.41 1.14 -25.93
N ARG B 87 -8.24 0.10 -25.11
CA ARG B 87 -9.39 -0.58 -24.55
C ARG B 87 -10.09 0.41 -23.62
N VAL B 88 -11.38 0.62 -23.83
CA VAL B 88 -12.14 1.54 -22.99
C VAL B 88 -12.09 1.11 -21.52
N GLU B 89 -11.81 -0.17 -21.25
CA GLU B 89 -11.70 -0.65 -19.88
C GLU B 89 -10.55 -0.02 -19.13
N ASP B 90 -9.53 0.47 -19.83
CA ASP B 90 -8.31 1.03 -19.26
C ASP B 90 -8.55 2.35 -18.51
N THR B 91 -9.79 2.77 -18.31
CA THR B 91 -10.11 3.96 -17.52
C THR B 91 -9.72 3.70 -16.06
N ALA B 92 -8.61 4.30 -15.63
CA ALA B 92 -8.10 4.10 -14.28
C ALA B 92 -7.05 5.16 -13.97
N MET B 93 -6.78 5.33 -12.68
CA MET B 93 -5.76 6.27 -12.21
C MET B 93 -4.44 5.52 -12.05
N TYR B 94 -3.42 5.97 -12.78
CA TYR B 94 -2.19 5.21 -12.90
C TYR B 94 -1.14 5.76 -11.91
N TYR B 95 -0.44 4.83 -11.26
CA TYR B 95 0.62 5.16 -10.31
C TYR B 95 1.93 4.54 -10.77
N CYS B 96 3.00 5.32 -10.75
CA CYS B 96 4.35 4.85 -11.04
C CYS B 96 5.14 4.81 -9.75
N ALA B 97 5.87 3.73 -9.52
CA ALA B 97 6.57 3.55 -8.26
C ALA B 97 7.94 2.91 -8.47
N ARG B 98 8.81 3.11 -7.48
CA ARG B 98 10.18 2.63 -7.47
C ARG B 98 10.26 1.17 -7.04
N ASP B 99 11.43 0.57 -7.30
CA ASP B 99 11.67 -0.85 -7.08
C ASP B 99 13.16 -1.07 -6.89
N GLY B 100 13.54 -1.85 -5.89
CA GLY B 100 14.93 -2.21 -5.69
C GLY B 100 15.15 -3.64 -5.26
N VAL B 101 14.19 -4.52 -5.54
CA VAL B 101 14.27 -5.90 -5.11
C VAL B 101 14.18 -6.89 -6.26
N SER B 102 13.75 -6.46 -7.44
CA SER B 102 13.52 -7.36 -8.56
C SER B 102 14.81 -8.11 -8.93
N VAL B 103 14.64 -9.21 -9.66
CA VAL B 103 15.74 -10.16 -9.83
C VAL B 103 16.52 -9.93 -11.14
N THR B 104 15.89 -10.11 -12.30
CA THR B 104 16.60 -9.87 -13.56
C THR B 104 16.63 -8.39 -13.90
N MET B 105 15.77 -7.62 -13.25
CA MET B 105 15.74 -6.17 -13.30
C MET B 105 16.81 -5.64 -12.36
N VAL B 106 16.64 -4.41 -11.86
CA VAL B 106 17.71 -3.56 -11.36
C VAL B 106 18.85 -4.29 -10.65
N ARG B 107 20.07 -3.98 -11.08
CA ARG B 107 21.28 -4.57 -10.52
C ARG B 107 21.38 -4.27 -9.03
N GLY B 108 21.55 -5.32 -8.25
CA GLY B 108 21.71 -5.16 -6.80
C GLY B 108 20.41 -4.85 -6.09
N VAL B 109 20.25 -5.38 -4.89
CA VAL B 109 19.05 -5.14 -4.08
C VAL B 109 19.29 -3.91 -3.23
N ILE B 110 18.54 -2.84 -3.50
CA ILE B 110 18.62 -1.60 -2.76
C ILE B 110 17.21 -1.16 -2.41
N GLY B 111 16.94 -1.00 -1.11
CA GLY B 111 15.66 -0.49 -0.66
C GLY B 111 14.50 -1.40 -0.95
N PRO B 112 13.31 -1.02 -0.48
CA PRO B 112 12.10 -1.81 -0.74
C PRO B 112 11.55 -1.52 -2.13
N LEU B 113 10.38 -2.06 -2.44
CA LEU B 113 9.71 -1.77 -3.71
C LEU B 113 8.35 -1.11 -3.47
N CYS B 114 7.93 -0.33 -4.47
CA CYS B 114 6.59 0.25 -4.56
C CYS B 114 6.34 1.26 -3.45
N ASP B 115 7.23 2.25 -3.37
CA ASP B 115 6.98 3.50 -2.65
C ASP B 115 6.18 4.37 -3.61
N TYR B 116 4.86 4.30 -3.49
CA TYR B 116 3.98 4.64 -4.59
C TYR B 116 4.20 6.03 -5.18
N TRP B 117 3.89 7.09 -4.42
CA TRP B 117 3.94 8.47 -4.92
C TRP B 117 3.23 8.61 -6.27
N GLY B 118 1.93 8.33 -6.27
CA GLY B 118 1.19 8.30 -7.51
C GLY B 118 0.16 9.39 -7.70
N GLN B 119 -0.26 9.60 -8.95
CA GLN B 119 -1.28 10.58 -9.30
C GLN B 119 -1.63 10.51 -10.78
N GLY B 120 -2.62 11.30 -11.20
CA GLY B 120 -2.91 11.44 -12.62
C GLY B 120 -3.99 10.55 -13.20
N THR B 121 -5.20 10.65 -12.65
CA THR B 121 -6.34 9.87 -13.11
C THR B 121 -6.50 9.95 -14.62
N LEU B 122 -6.45 8.79 -15.25
CA LEU B 122 -6.52 8.64 -16.71
C LEU B 122 -7.85 8.01 -17.08
N VAL B 123 -8.68 8.74 -17.81
CA VAL B 123 -10.03 8.29 -18.12
C VAL B 123 -10.17 8.13 -19.62
N THR B 124 -10.52 6.92 -20.07
CA THR B 124 -10.68 6.61 -21.49
C THR B 124 -12.15 6.68 -21.90
N VAL B 125 -12.69 7.90 -21.85
CA VAL B 125 -14.12 8.12 -22.07
C VAL B 125 -14.54 7.60 -23.45
N SER B 126 -15.82 7.21 -23.54
CA SER B 126 -16.46 6.92 -24.80
C SER B 126 -16.64 8.20 -25.61
N SER B 127 -17.21 8.04 -26.81
CA SER B 127 -17.36 9.15 -27.75
C SER B 127 -18.13 10.31 -27.16
N ALA B 128 -18.91 10.07 -26.10
CA ALA B 128 -19.73 11.11 -25.50
C ALA B 128 -18.86 12.29 -25.06
N SER B 129 -19.30 13.48 -25.43
CA SER B 129 -18.50 14.69 -25.24
C SER B 129 -18.35 15.02 -23.76
N THR B 130 -17.28 15.74 -23.47
CA THR B 130 -17.01 16.26 -22.13
C THR B 130 -18.00 17.37 -21.80
N LYS B 131 -18.89 17.10 -20.83
CA LYS B 131 -20.01 17.99 -20.54
C LYS B 131 -19.82 18.69 -19.21
N GLY B 132 -20.16 19.98 -19.18
CA GLY B 132 -20.14 20.76 -17.97
C GLY B 132 -21.38 20.52 -17.12
N PRO B 133 -21.27 20.76 -15.81
CA PRO B 133 -22.39 20.49 -14.90
C PRO B 133 -23.43 21.60 -14.94
N SER B 134 -24.57 21.30 -14.35
CA SER B 134 -25.65 22.27 -14.16
C SER B 134 -25.95 22.32 -12.66
N VAL B 135 -25.50 23.40 -12.01
CA VAL B 135 -25.62 23.52 -10.57
C VAL B 135 -27.03 24.01 -10.22
N PHE B 136 -27.68 23.31 -9.30
CA PHE B 136 -29.02 23.67 -8.84
C PHE B 136 -29.02 23.82 -7.33
N PRO B 137 -29.83 24.74 -6.81
CA PRO B 137 -29.91 24.89 -5.35
C PRO B 137 -30.62 23.71 -4.70
N LEU B 138 -30.27 23.48 -3.44
CA LEU B 138 -31.00 22.56 -2.59
C LEU B 138 -31.55 23.34 -1.40
N ALA B 139 -32.23 24.45 -1.70
CA ALA B 139 -32.81 25.39 -0.76
C ALA B 139 -33.55 24.69 0.38
N PRO B 140 -33.53 25.28 1.59
CA PRO B 140 -34.22 24.65 2.73
C PRO B 140 -35.66 25.09 2.87
N SER B 141 -36.33 24.60 3.92
CA SER B 141 -37.70 24.97 4.22
C SER B 141 -37.97 24.70 5.70
N SER B 142 -38.67 25.64 6.34
CA SER B 142 -39.04 25.47 7.74
C SER B 142 -40.41 26.09 8.02
N THR B 149 -30.09 23.06 13.92
CA THR B 149 -29.34 22.99 12.68
C THR B 149 -30.27 22.96 11.47
N ALA B 150 -29.89 23.68 10.41
CA ALA B 150 -30.62 23.69 9.16
C ALA B 150 -29.69 23.25 8.03
N ALA B 151 -30.21 22.46 7.10
CA ALA B 151 -29.41 21.92 6.00
C ALA B 151 -29.53 22.78 4.76
N LEU B 152 -28.47 22.75 3.94
CA LEU B 152 -28.34 23.65 2.80
C LEU B 152 -27.28 23.08 1.87
N GLY B 153 -27.62 22.93 0.59
CA GLY B 153 -26.70 22.29 -0.34
C GLY B 153 -26.90 22.73 -1.77
N CYS B 154 -26.06 22.20 -2.65
CA CYS B 154 -26.12 22.44 -4.09
C CYS B 154 -26.13 21.10 -4.82
N LEU B 155 -26.66 21.13 -6.04
CA LEU B 155 -26.90 19.92 -6.83
C LEU B 155 -26.07 19.98 -8.11
N VAL B 156 -24.98 19.23 -8.16
CA VAL B 156 -24.12 19.15 -9.34
C VAL B 156 -24.62 17.98 -10.19
N LYS B 157 -25.23 18.29 -11.33
CA LYS B 157 -25.90 17.27 -12.12
C LYS B 157 -25.46 17.34 -13.58
N ASP B 158 -25.40 16.17 -14.22
CA ASP B 158 -25.19 16.02 -15.66
C ASP B 158 -23.84 16.61 -16.09
N TYR B 159 -22.78 15.97 -15.61
CA TYR B 159 -21.41 16.32 -16.00
C TYR B 159 -20.66 15.03 -16.27
N PHE B 160 -20.12 14.87 -17.50
CA PHE B 160 -19.51 13.60 -17.86
C PHE B 160 -18.15 13.38 -17.20
N PRO B 161 -17.17 14.26 -17.35
CA PRO B 161 -15.89 14.01 -16.66
C PRO B 161 -16.07 14.10 -15.16
N GLU B 162 -15.37 13.23 -14.44
CA GLU B 162 -15.61 13.08 -13.01
C GLU B 162 -14.98 14.16 -12.13
N PRO B 163 -13.74 14.63 -12.41
CA PRO B 163 -13.07 15.48 -11.40
C PRO B 163 -13.69 16.86 -11.22
N VAL B 164 -14.75 16.92 -10.41
CA VAL B 164 -15.40 18.17 -10.04
C VAL B 164 -15.07 18.47 -8.58
N THR B 165 -15.05 19.75 -8.24
CA THR B 165 -14.76 20.21 -6.89
C THR B 165 -15.82 21.22 -6.46
N VAL B 166 -15.87 21.51 -5.16
CA VAL B 166 -16.84 22.44 -4.62
C VAL B 166 -16.30 23.04 -3.33
N SER B 167 -16.60 24.33 -3.12
CA SER B 167 -16.26 25.05 -1.89
C SER B 167 -17.37 26.04 -1.59
N TRP B 168 -17.67 26.22 -0.30
CA TRP B 168 -18.79 27.03 0.14
C TRP B 168 -18.30 28.39 0.61
N ASN B 169 -18.79 29.46 -0.02
CA ASN B 169 -18.49 30.84 0.36
C ASN B 169 -16.97 31.06 0.51
N SER B 170 -16.29 30.92 -0.63
CA SER B 170 -14.86 31.18 -0.70
C SER B 170 -14.07 30.30 0.28
N GLY B 171 -14.56 29.09 0.51
CA GLY B 171 -13.84 28.11 1.31
C GLY B 171 -13.37 28.51 2.69
N ALA B 172 -13.85 29.64 3.21
CA ALA B 172 -13.64 29.98 4.60
C ALA B 172 -14.68 29.35 5.51
N LEU B 173 -15.79 28.87 4.95
CA LEU B 173 -16.75 28.04 5.66
C LEU B 173 -16.44 26.59 5.32
N THR B 174 -15.73 25.91 6.23
CA THR B 174 -15.33 24.52 6.03
C THR B 174 -15.76 23.63 7.20
N SER B 175 -16.52 24.16 8.15
CA SER B 175 -17.01 23.39 9.28
C SER B 175 -18.47 23.02 9.03
N GLY B 176 -18.80 21.74 9.22
CA GLY B 176 -20.14 21.26 8.93
C GLY B 176 -20.41 20.99 7.47
N VAL B 177 -19.39 20.93 6.62
CA VAL B 177 -19.55 20.74 5.19
C VAL B 177 -19.30 19.28 4.86
N HIS B 178 -20.18 18.71 4.02
CA HIS B 178 -20.06 17.32 3.59
C HIS B 178 -20.12 17.26 2.07
N THR B 179 -18.96 17.01 1.45
CA THR B 179 -18.89 16.80 0.01
C THR B 179 -18.96 15.30 -0.27
N PHE B 180 -19.93 14.89 -1.06
CA PHE B 180 -20.25 13.51 -1.35
C PHE B 180 -19.59 13.06 -2.65
N PRO B 181 -19.24 11.79 -2.75
CA PRO B 181 -18.77 11.24 -4.03
C PRO B 181 -19.90 11.20 -5.05
N ALA B 182 -19.50 11.16 -6.32
CA ALA B 182 -20.45 11.21 -7.41
C ALA B 182 -21.12 9.84 -7.61
N VAL B 183 -22.26 9.88 -8.28
CA VAL B 183 -22.99 8.68 -8.69
C VAL B 183 -23.18 8.75 -10.20
N LEU B 184 -23.04 7.59 -10.86
CA LEU B 184 -23.11 7.52 -12.32
C LEU B 184 -24.57 7.28 -12.72
N GLN B 185 -25.17 8.26 -13.39
CA GLN B 185 -26.55 8.17 -13.79
C GLN B 185 -26.70 7.18 -14.96
N SER B 186 -27.94 6.98 -15.39
CA SER B 186 -28.19 6.10 -16.53
C SER B 186 -27.80 6.73 -17.86
N SER B 187 -27.67 8.06 -17.90
CA SER B 187 -27.36 8.78 -19.12
C SER B 187 -25.85 8.91 -19.36
N GLY B 188 -25.04 8.08 -18.71
CA GLY B 188 -23.60 8.18 -18.85
C GLY B 188 -22.98 9.39 -18.20
N LEU B 189 -23.75 10.14 -17.43
CA LEU B 189 -23.27 11.36 -16.78
C LEU B 189 -23.24 11.16 -15.27
N TYR B 190 -22.35 11.89 -14.61
CA TYR B 190 -22.24 11.80 -13.16
C TYR B 190 -23.26 12.70 -12.49
N SER B 191 -23.28 12.66 -11.16
CA SER B 191 -24.22 13.45 -10.36
C SER B 191 -23.68 13.56 -8.94
N LEU B 192 -23.44 14.78 -8.48
CA LEU B 192 -22.84 15.01 -7.18
C LEU B 192 -23.65 16.04 -6.40
N SER B 193 -23.63 15.91 -5.08
CA SER B 193 -24.26 16.85 -4.17
C SER B 193 -23.29 17.20 -3.05
N SER B 194 -23.27 18.47 -2.66
CA SER B 194 -22.42 18.95 -1.57
C SER B 194 -23.27 19.79 -0.65
N VAL B 195 -23.30 19.43 0.64
CA VAL B 195 -24.24 19.99 1.58
C VAL B 195 -23.50 20.56 2.78
N VAL B 196 -24.11 21.58 3.39
CA VAL B 196 -23.60 22.20 4.61
C VAL B 196 -24.79 22.47 5.53
N THR B 197 -24.63 22.15 6.80
CA THR B 197 -25.69 22.32 7.79
C THR B 197 -25.36 23.51 8.68
N VAL B 198 -26.21 24.53 8.65
CA VAL B 198 -25.98 25.77 9.38
C VAL B 198 -27.18 26.03 10.29
N PRO B 199 -27.00 26.76 11.38
CA PRO B 199 -28.13 27.07 12.26
C PRO B 199 -29.15 27.98 11.58
N SER B 200 -30.39 27.91 12.08
CA SER B 200 -31.47 28.74 11.55
C SER B 200 -31.27 30.21 11.88
N SER B 201 -30.47 30.53 12.90
CA SER B 201 -30.21 31.91 13.28
C SER B 201 -29.31 32.63 12.29
N SER B 202 -28.74 31.92 11.33
CA SER B 202 -27.87 32.51 10.31
C SER B 202 -28.43 32.34 8.90
N LEU B 203 -29.66 31.86 8.77
CA LEU B 203 -30.26 31.68 7.45
C LEU B 203 -30.68 33.01 6.82
N GLY B 204 -30.84 34.05 7.61
CA GLY B 204 -31.19 35.36 7.07
C GLY B 204 -30.04 36.34 7.15
N THR B 205 -29.07 36.06 8.02
CA THR B 205 -27.97 36.99 8.27
C THR B 205 -26.80 36.78 7.30
N GLN B 206 -26.35 35.53 7.14
CA GLN B 206 -25.22 35.23 6.28
C GLN B 206 -25.68 34.59 4.97
N THR B 207 -25.07 35.03 3.87
CA THR B 207 -25.40 34.56 2.53
C THR B 207 -24.53 33.37 2.15
N TYR B 208 -25.16 32.33 1.60
CA TYR B 208 -24.47 31.07 1.30
C TYR B 208 -24.42 30.84 -0.21
N ILE B 209 -23.21 30.60 -0.71
CA ILE B 209 -22.94 30.37 -2.13
C ILE B 209 -22.02 29.16 -2.26
N CYS B 210 -22.32 28.30 -3.22
CA CYS B 210 -21.45 27.15 -3.51
C CYS B 210 -20.64 27.46 -4.75
N ASN B 211 -19.34 27.18 -4.68
CA ASN B 211 -18.41 27.44 -5.78
C ASN B 211 -18.05 26.09 -6.40
N VAL B 212 -18.70 25.75 -7.50
CA VAL B 212 -18.44 24.50 -8.21
C VAL B 212 -17.38 24.75 -9.27
N ASN B 213 -16.35 23.90 -9.28
CA ASN B 213 -15.25 24.04 -10.24
C ASN B 213 -15.05 22.71 -10.96
N HIS B 214 -14.93 22.79 -12.29
CA HIS B 214 -14.80 21.61 -13.16
C HIS B 214 -13.73 21.94 -14.20
N LYS B 215 -12.52 21.39 -14.01
CA LYS B 215 -11.42 21.74 -14.90
C LYS B 215 -11.57 21.15 -16.29
N PRO B 216 -11.85 19.84 -16.48
CA PRO B 216 -11.93 19.32 -17.86
C PRO B 216 -12.93 20.05 -18.74
N SER B 217 -14.09 20.43 -18.19
CA SER B 217 -15.04 21.22 -18.95
C SER B 217 -14.72 22.71 -18.96
N ASN B 218 -13.81 23.15 -18.10
CA ASN B 218 -13.52 24.57 -17.90
C ASN B 218 -14.81 25.35 -17.59
N THR B 219 -15.42 24.97 -16.47
CA THR B 219 -16.67 25.56 -16.02
C THR B 219 -16.56 25.85 -14.53
N LYS B 220 -16.93 27.07 -14.14
CA LYS B 220 -17.02 27.43 -12.72
C LYS B 220 -18.25 28.29 -12.52
N VAL B 221 -19.16 27.83 -11.66
CA VAL B 221 -20.43 28.50 -11.42
C VAL B 221 -20.56 28.78 -9.92
N ASP B 222 -20.69 30.05 -9.57
CA ASP B 222 -21.00 30.46 -8.21
C ASP B 222 -22.51 30.58 -8.10
N LYS B 223 -23.13 29.67 -7.35
CA LYS B 223 -24.58 29.61 -7.22
C LYS B 223 -25.00 29.94 -5.80
N ARG B 224 -25.89 30.92 -5.66
CA ARG B 224 -26.49 31.20 -4.36
C ARG B 224 -27.45 30.08 -3.96
N VAL B 225 -27.82 30.07 -2.69
CA VAL B 225 -28.87 29.18 -2.22
C VAL B 225 -29.80 29.97 -1.30
N GLU B 226 -31.00 30.31 -1.83
CA GLU B 226 -31.98 31.11 -1.10
C GLU B 226 -33.21 30.28 -0.76
N PRO B 227 -33.83 30.51 0.40
CA PRO B 227 -34.96 29.67 0.81
C PRO B 227 -36.20 29.91 -0.05
N LYS B 228 -37.10 28.94 0.00
CA LYS B 228 -38.36 28.99 -0.75
C LYS B 228 -39.27 30.09 -0.22
N ILE C 2 0.19 -17.06 -11.47
CA ILE C 2 -0.62 -15.94 -11.01
C ILE C 2 -1.47 -16.37 -9.82
N GLN C 3 -1.41 -15.60 -8.74
CA GLN C 3 -2.08 -15.91 -7.49
C GLN C 3 -3.37 -15.13 -7.35
N MET C 4 -4.24 -15.61 -6.45
CA MET C 4 -5.43 -14.89 -6.03
C MET C 4 -5.33 -14.73 -4.52
N THR C 5 -4.67 -13.66 -4.10
CA THR C 5 -4.42 -13.44 -2.68
C THR C 5 -5.73 -13.16 -1.95
N GLN C 6 -5.93 -13.79 -0.80
CA GLN C 6 -7.15 -13.66 -0.02
C GLN C 6 -6.93 -12.71 1.16
N SER C 7 -8.05 -12.18 1.68
CA SER C 7 -8.02 -11.24 2.81
C SER C 7 -9.42 -11.04 3.41
N PRO C 8 -9.56 -11.11 4.74
CA PRO C 8 -10.84 -10.78 5.39
C PRO C 8 -10.98 -9.27 5.60
N SER C 9 -11.86 -8.65 4.84
CA SER C 9 -12.06 -7.21 4.87
C SER C 9 -13.17 -6.85 5.85
N SER C 10 -13.63 -5.59 5.79
CA SER C 10 -14.79 -5.10 6.52
C SER C 10 -14.59 -5.24 8.05
N LEU C 11 -13.63 -4.48 8.55
CA LEU C 11 -13.28 -4.47 9.96
C LEU C 11 -13.91 -3.27 10.68
N SER C 12 -14.10 -3.44 12.00
CA SER C 12 -14.68 -2.40 12.84
C SER C 12 -14.18 -2.58 14.27
N ALA C 13 -13.46 -1.60 14.80
CA ALA C 13 -12.88 -1.70 16.13
C ALA C 13 -12.84 -0.33 16.79
N SER C 14 -13.04 -0.32 18.11
CA SER C 14 -13.02 0.92 18.87
C SER C 14 -11.60 1.50 18.91
N VAL C 15 -11.51 2.77 19.33
CA VAL C 15 -10.24 3.49 19.30
C VAL C 15 -9.33 2.92 20.39
N GLY C 16 -8.11 2.56 19.99
CA GLY C 16 -7.17 1.92 20.91
C GLY C 16 -7.41 0.44 21.10
N ASP C 17 -7.25 -0.35 20.04
CA ASP C 17 -7.50 -1.79 20.09
C ASP C 17 -6.38 -2.49 19.34
N ARG C 18 -6.60 -3.77 19.01
CA ARG C 18 -5.61 -4.59 18.31
C ARG C 18 -6.33 -5.41 17.25
N VAL C 19 -6.06 -5.11 15.97
CA VAL C 19 -6.72 -5.79 14.87
C VAL C 19 -5.67 -6.48 14.01
N THR C 20 -6.12 -7.45 13.22
CA THR C 20 -5.24 -8.26 12.39
C THR C 20 -5.90 -8.58 11.06
N ILE C 21 -5.10 -8.62 10.00
CA ILE C 21 -5.52 -9.05 8.68
C ILE C 21 -4.59 -10.16 8.23
N THR C 22 -5.15 -11.26 7.73
CA THR C 22 -4.38 -12.42 7.31
C THR C 22 -4.53 -12.58 5.81
N CYS C 23 -3.47 -12.30 5.07
CA CYS C 23 -3.43 -12.55 3.63
C CYS C 23 -2.79 -13.92 3.40
N GLN C 24 -3.61 -14.91 3.09
CA GLN C 24 -3.11 -16.24 2.72
C GLN C 24 -2.95 -16.29 1.20
N THR C 25 -1.77 -16.74 0.77
CA THR C 25 -1.43 -16.70 -0.64
C THR C 25 -2.03 -17.89 -1.39
N SER C 26 -1.92 -17.84 -2.71
CA SER C 26 -2.36 -18.91 -3.59
C SER C 26 -1.20 -19.86 -3.83
N GLN C 27 -1.33 -20.71 -4.86
CA GLN C 27 -0.30 -21.66 -5.25
C GLN C 27 1.08 -21.01 -5.31
N ASP C 28 2.12 -21.83 -5.17
CA ASP C 28 3.52 -21.38 -5.25
C ASP C 28 3.82 -20.36 -4.14
N ILE C 29 3.87 -20.88 -2.92
CA ILE C 29 3.91 -20.10 -1.67
C ILE C 29 4.78 -18.85 -1.83
N SER C 30 4.21 -17.70 -1.50
CA SER C 30 4.87 -16.43 -1.69
C SER C 30 5.70 -16.08 -0.47
N ASN C 31 6.86 -15.52 -0.70
CA ASN C 31 7.71 -15.04 0.37
C ASN C 31 7.73 -13.51 0.32
N TYR C 32 7.68 -12.88 1.49
CA TYR C 32 7.92 -11.45 1.62
C TYR C 32 6.90 -10.62 0.83
N LEU C 33 5.65 -10.66 1.33
CA LEU C 33 4.63 -9.73 0.87
C LEU C 33 4.94 -8.31 1.36
N ASN C 34 4.10 -7.36 0.96
CA ASN C 34 4.19 -5.98 1.40
C ASN C 34 2.83 -5.52 1.91
N TRP C 35 2.85 -4.52 2.79
CA TRP C 35 1.65 -3.96 3.40
C TRP C 35 1.59 -2.48 3.11
N TYR C 36 0.51 -2.04 2.46
CA TYR C 36 0.29 -0.64 2.12
C TYR C 36 -1.01 -0.16 2.76
N GLN C 37 -1.12 1.15 2.95
CA GLN C 37 -2.37 1.78 3.36
C GLN C 37 -2.78 2.82 2.33
N GLN C 38 -4.08 2.89 2.04
CA GLN C 38 -4.63 3.82 1.05
C GLN C 38 -5.83 4.54 1.65
N LYS C 39 -5.59 5.73 2.20
CA LYS C 39 -6.69 6.59 2.63
C LYS C 39 -7.42 7.13 1.41
N PRO C 40 -8.71 7.48 1.56
CA PRO C 40 -9.48 7.90 0.38
C PRO C 40 -8.94 9.16 -0.27
N GLY C 41 -8.84 9.12 -1.59
CA GLY C 41 -8.37 10.26 -2.36
C GLY C 41 -6.88 10.41 -2.47
N LYS C 42 -6.10 9.52 -1.87
CA LYS C 42 -4.64 9.63 -1.86
C LYS C 42 -4.02 8.33 -2.36
N ALA C 43 -2.81 8.45 -2.90
CA ALA C 43 -2.08 7.30 -3.39
C ALA C 43 -1.64 6.42 -2.23
N PRO C 44 -1.46 5.12 -2.46
CA PRO C 44 -1.07 4.20 -1.38
C PRO C 44 0.30 4.54 -0.79
N LYS C 45 0.59 3.92 0.36
CA LYS C 45 1.84 4.14 1.06
C LYS C 45 2.32 2.82 1.66
N LEU C 46 3.57 2.47 1.36
CA LEU C 46 4.17 1.23 1.85
C LEU C 46 4.37 1.30 3.36
N LEU C 47 3.56 0.55 4.11
CA LEU C 47 3.70 0.54 5.56
C LEU C 47 4.82 -0.38 6.02
N ILE C 48 4.82 -1.63 5.56
CA ILE C 48 5.77 -2.63 6.02
C ILE C 48 6.58 -3.16 4.85
N TYR C 49 7.84 -3.49 5.15
CA TYR C 49 8.80 -4.04 4.19
C TYR C 49 8.47 -5.50 3.93
N ASP C 50 9.47 -6.25 3.50
CA ASP C 50 9.29 -7.62 3.07
C ASP C 50 8.89 -8.55 4.23
N ALA C 51 7.59 -8.53 4.56
CA ALA C 51 6.89 -9.36 5.55
C ALA C 51 7.17 -8.91 6.97
N SER C 52 8.07 -7.96 7.20
CA SER C 52 8.44 -7.48 8.51
C SER C 52 9.26 -6.21 8.31
N ASN C 53 9.88 -5.73 9.40
CA ASN C 53 10.86 -4.63 9.34
C ASN C 53 10.24 -3.36 8.75
N LEU C 54 9.31 -2.78 9.51
CA LEU C 54 8.63 -1.58 9.04
C LEU C 54 9.63 -0.49 8.68
N GLU C 55 9.18 0.43 7.81
CA GLU C 55 10.04 1.49 7.29
C GLU C 55 10.21 2.58 8.36
N THR C 56 10.80 3.70 7.96
CA THR C 56 10.94 4.87 8.81
C THR C 56 9.85 5.87 8.46
N GLY C 57 9.17 6.39 9.48
CA GLY C 57 8.07 7.32 9.31
C GLY C 57 6.76 6.82 9.88
N VAL C 58 6.53 5.51 9.82
CA VAL C 58 5.30 4.93 10.37
C VAL C 58 5.35 5.03 11.90
N PRO C 59 4.21 5.17 12.57
CA PRO C 59 4.23 5.41 14.02
C PRO C 59 4.53 4.15 14.83
N SER C 60 4.95 3.09 14.15
CA SER C 60 5.42 1.84 14.76
C SER C 60 4.30 1.09 15.49
N ARG C 61 3.05 1.35 15.13
CA ARG C 61 1.91 0.61 15.68
C ARG C 61 1.55 -0.61 14.85
N PHE C 62 2.30 -0.88 13.78
CA PHE C 62 1.99 -1.93 12.83
C PHE C 62 3.07 -3.00 12.86
N SER C 63 2.72 -4.19 12.39
CA SER C 63 3.68 -5.29 12.31
C SER C 63 3.11 -6.37 11.41
N GLY C 64 3.90 -7.43 11.24
CA GLY C 64 3.48 -8.57 10.45
C GLY C 64 4.52 -9.66 10.54
N SER C 65 4.12 -10.87 10.16
CA SER C 65 5.00 -12.03 10.22
C SER C 65 4.95 -12.79 8.90
N GLY C 66 6.12 -13.13 8.38
CA GLY C 66 6.21 -13.80 7.09
C GLY C 66 6.61 -15.26 7.15
N SER C 67 5.65 -16.15 6.96
CA SER C 67 5.90 -17.60 7.02
C SER C 67 5.20 -18.28 5.86
N GLY C 68 5.89 -18.39 4.73
CA GLY C 68 5.44 -19.20 3.62
C GLY C 68 4.11 -18.82 3.02
N THR C 69 3.08 -19.64 3.27
CA THR C 69 1.81 -19.45 2.57
C THR C 69 0.91 -18.42 3.26
N ASP C 70 0.93 -18.35 4.58
CA ASP C 70 0.03 -17.46 5.31
C ASP C 70 0.78 -16.31 5.97
N PHE C 71 0.12 -15.17 6.05
CA PHE C 71 0.71 -13.95 6.60
C PHE C 71 -0.31 -13.27 7.49
N THR C 72 0.17 -12.36 8.35
CA THR C 72 -0.68 -11.61 9.26
C THR C 72 -0.20 -10.17 9.32
N PHE C 73 -1.14 -9.25 9.56
CA PHE C 73 -0.86 -7.82 9.65
C PHE C 73 -1.50 -7.29 10.92
N THR C 74 -0.68 -7.04 11.94
CA THR C 74 -1.15 -6.63 13.26
C THR C 74 -1.07 -5.12 13.41
N ILE C 75 -2.17 -4.52 13.88
CA ILE C 75 -2.19 -3.11 14.26
C ILE C 75 -2.52 -3.05 15.74
N SER C 76 -1.61 -2.48 16.53
CA SER C 76 -1.86 -2.16 17.92
C SER C 76 -2.20 -0.68 18.05
N SER C 77 -2.97 -0.35 19.10
CA SER C 77 -3.24 1.04 19.48
C SER C 77 -3.90 1.80 18.32
N LEU C 78 -5.13 1.40 18.02
CA LEU C 78 -5.88 1.98 16.92
C LEU C 78 -6.03 3.49 17.11
N GLN C 79 -6.04 4.21 15.99
CA GLN C 79 -6.00 5.66 15.94
C GLN C 79 -7.26 6.20 15.27
N PRO C 80 -7.75 7.37 15.69
CA PRO C 80 -8.83 8.01 14.93
C PRO C 80 -8.43 8.36 13.51
N GLU C 81 -7.22 8.90 13.32
CA GLU C 81 -6.71 9.18 11.98
C GLU C 81 -6.01 7.95 11.41
N ASP C 82 -6.79 6.87 11.25
CA ASP C 82 -6.21 5.63 10.75
C ASP C 82 -7.17 4.86 9.84
N ILE C 83 -8.33 5.40 9.52
CA ILE C 83 -9.31 4.70 8.69
C ILE C 83 -8.85 4.79 7.23
N ALA C 84 -8.66 3.63 6.60
CA ALA C 84 -8.16 3.56 5.24
C ALA C 84 -8.53 2.21 4.67
N THR C 85 -7.90 1.85 3.56
CA THR C 85 -7.99 0.53 2.96
C THR C 85 -6.59 -0.06 2.87
N TYR C 86 -6.47 -1.33 3.29
CA TYR C 86 -5.17 -1.97 3.45
C TYR C 86 -5.04 -3.11 2.45
N TYR C 87 -3.97 -3.09 1.66
CA TYR C 87 -3.71 -4.09 0.64
C TYR C 87 -2.44 -4.85 0.96
N CYS C 88 -2.38 -6.09 0.49
CA CYS C 88 -1.18 -6.91 0.55
C CYS C 88 -0.76 -7.28 -0.88
N GLN C 89 0.53 -7.13 -1.18
CA GLN C 89 1.06 -7.39 -2.51
C GLN C 89 2.18 -8.41 -2.41
N GLN C 90 2.18 -9.36 -3.34
CA GLN C 90 3.22 -10.37 -3.46
C GLN C 90 4.18 -9.98 -4.57
N TYR C 91 5.45 -10.35 -4.39
CA TYR C 91 6.45 -10.20 -5.45
C TYR C 91 7.43 -11.37 -5.39
N ASP C 92 7.10 -12.46 -6.07
CA ASP C 92 8.10 -13.46 -6.44
C ASP C 92 7.94 -13.93 -7.88
N ASN C 93 6.75 -13.84 -8.46
CA ASN C 93 6.53 -13.93 -9.88
C ASN C 93 6.07 -12.56 -10.37
N LEU C 94 6.59 -12.13 -11.51
CA LEU C 94 6.47 -10.72 -11.88
C LEU C 94 5.05 -10.22 -12.08
N PRO C 95 4.04 -11.04 -12.47
CA PRO C 95 2.67 -10.50 -12.51
C PRO C 95 2.13 -10.20 -11.13
N LEU C 96 2.56 -9.08 -10.55
CA LEU C 96 2.20 -8.72 -9.18
C LEU C 96 0.69 -8.60 -9.03
N THR C 97 0.16 -9.29 -8.04
CA THR C 97 -1.26 -9.27 -7.73
C THR C 97 -1.46 -8.80 -6.30
N PHE C 98 -2.50 -8.00 -6.08
CA PHE C 98 -2.76 -7.41 -4.78
C PHE C 98 -3.79 -8.24 -4.01
N GLY C 99 -4.22 -7.72 -2.87
CA GLY C 99 -5.24 -8.35 -2.07
C GLY C 99 -6.61 -7.80 -2.37
N GLY C 100 -7.52 -8.01 -1.43
CA GLY C 100 -8.87 -7.51 -1.58
C GLY C 100 -9.06 -6.11 -1.01
N GLY C 101 -8.14 -5.69 -0.15
CA GLY C 101 -8.29 -4.42 0.54
C GLY C 101 -9.22 -4.52 1.74
N THR C 102 -8.91 -3.79 2.81
CA THR C 102 -9.69 -3.85 4.05
C THR C 102 -10.12 -2.45 4.44
N LYS C 103 -11.41 -2.16 4.29
CA LYS C 103 -11.98 -0.93 4.82
C LYS C 103 -11.99 -0.99 6.33
N VAL C 104 -11.66 0.14 6.98
CA VAL C 104 -11.51 0.20 8.42
C VAL C 104 -12.43 1.26 8.98
N ASP C 105 -13.23 0.87 9.98
CA ASP C 105 -14.16 1.77 10.64
C ASP C 105 -13.94 1.69 12.14
N ILE C 106 -13.66 2.82 12.77
CA ILE C 106 -13.41 2.86 14.19
C ILE C 106 -14.74 2.88 14.94
N LYS C 107 -14.92 1.96 15.87
CA LYS C 107 -16.18 1.84 16.59
C LYS C 107 -16.37 3.03 17.52
N ARG C 108 -17.43 3.80 17.27
CA ARG C 108 -17.77 4.97 18.08
C ARG C 108 -19.13 4.74 18.70
N THR C 109 -19.49 5.60 19.65
CA THR C 109 -20.82 5.56 20.23
C THR C 109 -21.88 5.76 19.13
N VAL C 110 -22.96 4.99 19.23
CA VAL C 110 -23.97 4.98 18.18
C VAL C 110 -24.53 6.38 17.96
N ALA C 111 -24.75 6.73 16.69
CA ALA C 111 -25.26 8.04 16.32
C ALA C 111 -26.55 7.89 15.52
N ALA C 112 -27.60 8.59 15.97
CA ALA C 112 -28.84 8.66 15.22
C ALA C 112 -28.72 9.66 14.08
N PRO C 113 -29.32 9.39 12.93
CA PRO C 113 -29.20 10.31 11.79
C PRO C 113 -30.23 11.42 11.80
N SER C 114 -29.80 12.60 11.36
CA SER C 114 -30.68 13.74 11.13
C SER C 114 -30.93 13.85 9.64
N VAL C 115 -32.19 13.83 9.23
CA VAL C 115 -32.57 13.70 7.84
C VAL C 115 -33.26 14.97 7.36
N PHE C 116 -32.78 15.51 6.24
CA PHE C 116 -33.32 16.71 5.62
C PHE C 116 -33.67 16.40 4.17
N ILE C 117 -34.78 16.95 3.71
CA ILE C 117 -35.27 16.72 2.36
C ILE C 117 -35.12 18.01 1.54
N PHE C 118 -35.04 17.84 0.22
CA PHE C 118 -34.86 18.95 -0.71
C PHE C 118 -35.71 18.75 -1.95
N PRO C 119 -36.55 19.71 -2.31
CA PRO C 119 -37.32 19.62 -3.56
C PRO C 119 -36.43 19.95 -4.76
N PRO C 120 -36.84 19.57 -5.97
CA PRO C 120 -36.11 20.03 -7.15
C PRO C 120 -36.31 21.52 -7.37
N SER C 121 -35.24 22.18 -7.78
CA SER C 121 -35.30 23.62 -8.04
C SER C 121 -36.14 23.91 -9.28
N ASP C 122 -36.85 25.04 -9.25
CA ASP C 122 -37.63 25.45 -10.41
C ASP C 122 -36.75 25.65 -11.64
N GLU C 123 -35.47 25.99 -11.43
CA GLU C 123 -34.55 26.09 -12.56
C GLU C 123 -34.36 24.74 -13.23
N GLN C 124 -34.30 23.67 -12.44
CA GLN C 124 -34.18 22.33 -13.02
C GLN C 124 -35.44 21.91 -13.75
N LEU C 125 -36.61 22.34 -13.27
CA LEU C 125 -37.87 22.02 -13.95
C LEU C 125 -37.91 22.57 -15.37
N LYS C 126 -37.14 23.64 -15.65
CA LYS C 126 -37.02 24.12 -17.02
C LYS C 126 -36.28 23.14 -17.92
N SER C 127 -35.48 22.25 -17.34
CA SER C 127 -34.82 21.19 -18.09
C SER C 127 -35.65 19.93 -18.21
N GLY C 128 -36.89 19.96 -17.73
CA GLY C 128 -37.77 18.80 -17.82
C GLY C 128 -37.46 17.69 -16.83
N THR C 129 -36.61 17.95 -15.85
CA THR C 129 -36.19 16.95 -14.88
C THR C 129 -36.48 17.44 -13.46
N ALA C 130 -36.80 16.49 -12.59
CA ALA C 130 -37.04 16.76 -11.18
C ALA C 130 -36.14 15.84 -10.36
N SER C 131 -35.15 16.42 -9.69
CA SER C 131 -34.25 15.68 -8.82
C SER C 131 -34.54 16.05 -7.37
N VAL C 132 -35.06 15.09 -6.62
CA VAL C 132 -35.35 15.24 -5.19
C VAL C 132 -34.19 14.62 -4.41
N VAL C 133 -33.74 15.31 -3.36
CA VAL C 133 -32.55 14.93 -2.62
C VAL C 133 -32.88 14.80 -1.14
N CYS C 134 -32.42 13.71 -0.53
CA CYS C 134 -32.63 13.43 0.90
C CYS C 134 -31.26 13.25 1.55
N LEU C 135 -31.04 13.91 2.68
CA LEU C 135 -29.74 13.93 3.33
C LEU C 135 -29.74 13.06 4.58
N LEU C 136 -28.64 12.34 4.79
CA LEU C 136 -28.36 11.63 6.03
C LEU C 136 -26.96 12.05 6.49
N ASN C 137 -26.86 12.62 7.70
CA ASN C 137 -25.64 13.33 8.05
C ASN C 137 -25.27 13.08 9.51
N ASN C 138 -24.00 12.78 9.75
CA ASN C 138 -23.42 12.58 11.09
C ASN C 138 -24.13 11.45 11.85
N PHE C 139 -23.97 10.25 11.31
CA PHE C 139 -24.38 9.02 11.95
C PHE C 139 -23.24 8.03 11.83
N TYR C 140 -22.82 7.44 12.95
CA TYR C 140 -21.65 6.57 12.89
C TYR C 140 -21.99 5.21 12.29
N PRO C 141 -23.02 4.49 12.75
CA PRO C 141 -23.35 3.21 12.11
C PRO C 141 -23.90 3.46 10.71
N ARG C 142 -23.21 2.95 9.70
CA ARG C 142 -23.56 3.28 8.32
C ARG C 142 -24.65 2.38 7.77
N GLU C 143 -24.93 1.25 8.42
CA GLU C 143 -25.94 0.33 7.91
C GLU C 143 -27.33 0.89 8.08
N ALA C 144 -27.62 1.99 7.39
CA ALA C 144 -28.93 2.61 7.39
C ALA C 144 -29.57 2.44 6.02
N LYS C 145 -30.90 2.43 6.00
CA LYS C 145 -31.65 2.27 4.78
C LYS C 145 -32.50 3.52 4.55
N VAL C 146 -32.76 3.81 3.27
CA VAL C 146 -33.63 4.91 2.87
C VAL C 146 -34.56 4.40 1.78
N GLN C 147 -35.85 4.67 1.93
CA GLN C 147 -36.84 4.26 0.96
C GLN C 147 -37.70 5.47 0.61
N TRP C 148 -37.66 5.89 -0.65
CA TRP C 148 -38.46 7.02 -1.09
C TRP C 148 -39.92 6.61 -1.18
N LYS C 149 -40.79 7.41 -0.57
CA LYS C 149 -42.23 7.17 -0.59
C LYS C 149 -42.89 8.36 -1.26
N VAL C 150 -43.13 8.25 -2.56
CA VAL C 150 -43.90 9.23 -3.30
C VAL C 150 -45.36 8.83 -3.21
N ASP C 151 -46.18 9.70 -2.60
CA ASP C 151 -47.59 9.40 -2.36
C ASP C 151 -47.75 8.07 -1.63
N ASN C 152 -46.82 7.79 -0.71
CA ASN C 152 -46.81 6.56 0.07
C ASN C 152 -46.71 5.32 -0.83
N ALA C 153 -45.90 5.42 -1.88
CA ALA C 153 -45.63 4.28 -2.75
C ALA C 153 -44.15 4.23 -3.05
N LEU C 154 -43.53 3.09 -2.79
CA LEU C 154 -42.09 2.97 -2.99
C LEU C 154 -41.72 3.08 -4.46
N GLN C 155 -40.66 3.84 -4.73
CA GLN C 155 -40.15 4.02 -6.08
C GLN C 155 -38.84 3.24 -6.16
N SER C 156 -38.88 2.08 -6.81
CA SER C 156 -37.70 1.25 -6.96
C SER C 156 -37.01 1.58 -8.29
N GLY C 157 -35.68 1.65 -8.24
CA GLY C 157 -34.91 1.95 -9.42
C GLY C 157 -34.91 3.40 -9.86
N ASN C 158 -35.20 4.34 -8.95
CA ASN C 158 -35.21 5.75 -9.27
C ASN C 158 -34.23 6.57 -8.44
N SER C 159 -33.45 5.93 -7.57
CA SER C 159 -32.61 6.64 -6.61
C SER C 159 -31.21 6.07 -6.60
N GLN C 160 -30.22 6.95 -6.40
CA GLN C 160 -28.83 6.57 -6.16
C GLN C 160 -28.34 7.33 -4.95
N GLU C 161 -27.67 6.62 -4.04
CA GLU C 161 -27.17 7.24 -2.81
C GLU C 161 -25.66 7.06 -2.73
N SER C 162 -24.98 8.13 -2.33
CA SER C 162 -23.54 8.12 -2.15
C SER C 162 -23.22 8.31 -0.67
N VAL C 163 -22.33 7.47 -0.14
CA VAL C 163 -21.98 7.47 1.28
C VAL C 163 -20.57 8.02 1.43
N THR C 164 -20.42 9.06 2.26
CA THR C 164 -19.13 9.69 2.48
C THR C 164 -18.22 8.77 3.28
N GLU C 165 -16.92 9.00 3.16
CA GLU C 165 -15.98 8.33 4.03
C GLU C 165 -16.19 8.79 5.47
N GLN C 166 -15.88 7.89 6.41
CA GLN C 166 -16.06 8.20 7.81
C GLN C 166 -15.26 9.44 8.19
N ASP C 167 -15.89 10.34 8.94
CA ASP C 167 -15.26 11.59 9.31
C ASP C 167 -14.08 11.34 10.26
N SER C 168 -13.19 12.32 10.32
CA SER C 168 -11.97 12.19 11.11
C SER C 168 -12.13 12.68 12.54
N LYS C 169 -12.90 13.74 12.76
CA LYS C 169 -13.06 14.29 14.10
C LYS C 169 -14.12 13.53 14.89
N ASP C 170 -15.35 13.48 14.36
CA ASP C 170 -16.47 12.84 15.05
C ASP C 170 -16.71 11.40 14.63
N SER C 171 -16.04 10.92 13.58
CA SER C 171 -16.12 9.53 13.14
C SER C 171 -17.56 9.10 12.83
N THR C 172 -18.26 9.93 12.06
CA THR C 172 -19.62 9.64 11.64
C THR C 172 -19.72 9.66 10.12
N TYR C 173 -20.58 8.79 9.59
CA TYR C 173 -20.79 8.69 8.16
C TYR C 173 -21.75 9.79 7.71
N SER C 174 -22.02 9.82 6.40
CA SER C 174 -23.00 10.72 5.82
C SER C 174 -23.31 10.23 4.41
N LEU C 175 -24.57 9.90 4.14
CA LEU C 175 -24.98 9.51 2.80
C LEU C 175 -26.08 10.46 2.31
N SER C 176 -26.28 10.45 1.00
CA SER C 176 -27.28 11.32 0.36
C SER C 176 -27.83 10.60 -0.86
N SER C 177 -29.12 10.29 -0.83
CA SER C 177 -29.82 9.70 -1.96
C SER C 177 -30.37 10.79 -2.87
N THR C 178 -30.42 10.50 -4.16
CA THR C 178 -30.89 11.46 -5.17
C THR C 178 -31.97 10.80 -6.01
N LEU C 179 -33.23 10.98 -5.59
CA LEU C 179 -34.36 10.54 -6.39
C LEU C 179 -34.47 11.41 -7.64
N THR C 180 -34.59 10.78 -8.81
CA THR C 180 -34.63 11.49 -10.07
C THR C 180 -35.94 11.19 -10.81
N LEU C 181 -36.65 12.25 -11.20
CA LEU C 181 -37.87 12.15 -11.98
C LEU C 181 -37.87 13.12 -13.15
N SER C 182 -39.00 13.24 -13.84
CA SER C 182 -39.21 14.24 -14.88
C SER C 182 -40.31 15.20 -14.45
N LYS C 183 -40.53 16.23 -15.26
CA LYS C 183 -41.59 17.19 -14.97
C LYS C 183 -42.98 16.57 -15.08
N ALA C 184 -43.12 15.50 -15.89
CA ALA C 184 -44.43 14.90 -16.10
C ALA C 184 -44.88 14.08 -14.89
N ASP C 185 -44.04 13.13 -14.46
CA ASP C 185 -44.38 12.31 -13.31
C ASP C 185 -44.15 13.01 -11.99
N TYR C 186 -43.58 14.22 -12.01
CA TYR C 186 -43.55 15.07 -10.82
C TYR C 186 -44.84 15.87 -10.66
N GLU C 187 -45.54 16.13 -11.76
CA GLU C 187 -46.69 17.02 -11.75
C GLU C 187 -48.01 16.28 -11.46
N LYS C 188 -48.01 14.95 -11.47
CA LYS C 188 -49.21 14.20 -11.13
C LYS C 188 -49.24 13.76 -9.68
N HIS C 189 -48.09 13.72 -9.02
CA HIS C 189 -48.00 13.42 -7.59
C HIS C 189 -47.87 14.71 -6.80
N LYS C 190 -48.16 14.62 -5.50
CA LYS C 190 -48.22 15.82 -4.66
C LYS C 190 -47.29 15.81 -3.46
N VAL C 191 -47.05 14.67 -2.82
CA VAL C 191 -46.22 14.61 -1.61
C VAL C 191 -45.02 13.71 -1.88
N TYR C 192 -43.83 14.18 -1.47
CA TYR C 192 -42.58 13.45 -1.64
C TYR C 192 -41.89 13.32 -0.29
N ALA C 193 -41.48 12.11 0.06
CA ALA C 193 -40.84 11.85 1.34
C ALA C 193 -39.80 10.76 1.18
N CYS C 194 -38.97 10.60 2.21
CA CYS C 194 -37.94 9.57 2.25
C CYS C 194 -37.89 9.01 3.66
N GLU C 195 -38.31 7.75 3.82
CA GLU C 195 -38.28 7.12 5.13
C GLU C 195 -36.88 6.62 5.44
N VAL C 196 -36.53 6.65 6.73
CA VAL C 196 -35.18 6.39 7.21
C VAL C 196 -35.24 5.35 8.31
N THR C 197 -34.37 4.34 8.23
CA THR C 197 -34.24 3.33 9.26
C THR C 197 -32.76 3.13 9.57
N HIS C 198 -32.39 3.41 10.82
CA HIS C 198 -30.97 3.30 11.22
C HIS C 198 -30.85 2.55 12.54
N GLN C 199 -29.71 1.91 12.78
CA GLN C 199 -29.48 1.14 13.98
C GLN C 199 -29.76 1.95 15.25
N GLY C 200 -29.74 3.27 15.16
CA GLY C 200 -30.08 4.12 16.28
C GLY C 200 -31.44 4.77 16.12
N LEU C 201 -32.39 4.04 15.56
CA LEU C 201 -33.75 4.54 15.40
C LEU C 201 -34.73 3.44 15.76
N SER C 202 -35.73 3.79 16.58
CA SER C 202 -36.76 2.84 16.96
C SER C 202 -37.84 2.75 15.88
N SER C 203 -38.51 3.88 15.60
CA SER C 203 -39.55 3.99 14.59
C SER C 203 -39.00 4.72 13.37
N PRO C 204 -39.53 4.44 12.18
CA PRO C 204 -39.00 5.08 10.97
C PRO C 204 -39.19 6.60 10.99
N VAL C 205 -38.27 7.31 10.33
CA VAL C 205 -38.33 8.76 10.24
C VAL C 205 -38.70 9.13 8.81
N THR C 206 -39.77 9.91 8.67
CA THR C 206 -40.30 10.30 7.36
C THR C 206 -40.32 11.82 7.27
N LYS C 207 -39.46 12.38 6.44
CA LYS C 207 -39.43 13.81 6.15
C LYS C 207 -40.12 14.03 4.81
N SER C 208 -41.19 14.83 4.81
CA SER C 208 -42.02 14.99 3.63
C SER C 208 -42.18 16.46 3.30
N PHE C 209 -42.70 16.71 2.10
CA PHE C 209 -43.00 18.06 1.65
C PHE C 209 -44.04 17.99 0.53
N ASN C 210 -44.68 19.12 0.28
CA ASN C 210 -45.65 19.26 -0.80
C ASN C 210 -45.15 20.25 -1.85
N ARG C 211 -45.83 20.24 -2.99
CA ARG C 211 -45.46 21.08 -4.12
C ARG C 211 -46.58 22.06 -4.48
#